data_4LLS
#
_entry.id   4LLS
#
_cell.length_a   51.095
_cell.length_b   83.032
_cell.length_c   71.386
_cell.angle_alpha   90.00
_cell.angle_beta   108.87
_cell.angle_gamma   90.00
#
_symmetry.space_group_name_H-M   'P 1 21 1'
#
loop_
_entity.id
_entity.type
_entity.pdbx_description
1 polymer Geranyltranstransferase
2 non-polymer '3-METHYLBUT-3-ENYL TRIHYDROGEN DIPHOSPHATE'
3 non-polymer 'GERANYL S-THIOLODIPHOSPHATE'
4 non-polymer 'CALCIUM ION'
5 water water
#
_entity_poly.entity_id   1
_entity_poly.type   'polypeptide(L)'
_entity_poly.pdbx_seq_one_letter_code
;MHHHHHHSSGVDLGTENLYFQSMFTQRLDAAAAAVQAHFDKVLAAFEPLPIVEAMAHATSGGKRLRGFLVLETARLHDIA
AGEAIWSATAIEALHAYSLVHDDLPCMDNDDMRRGQPTVHKKWDDATAVLAGDALQTLAFELVTHPGASASAEVRADLAL
SLARASGAQGMVLGQALDIAAETARAPLSLDEITRLQQGKTGALIGWSAQAGARLAQADTAALKRYAQALGLAFQIADDI
LDVTGDSAQVGKAVGKDASAGKATFVSLLGLDAARARAMSLIDEACDSLATYGAKADTLRETARFVVRRTH
;
_entity_poly.pdbx_strand_id   A,B
#
loop_
_chem_comp.id
_chem_comp.type
_chem_comp.name
_chem_comp.formula
CA non-polymer 'CALCIUM ION' 'Ca 2'
GST non-polymer 'GERANYL S-THIOLODIPHOSPHATE' 'C10 H20 O6 P2 S'
IPE non-polymer '3-METHYLBUT-3-ENYL TRIHYDROGEN DIPHOSPHATE' 'C5 H12 O7 P2'
#
# COMPACT_ATOMS: atom_id res chain seq x y z
N ASP A 12 -3.52 0.82 -34.45
CA ASP A 12 -4.53 1.88 -34.75
C ASP A 12 -5.72 1.76 -33.79
N LEU A 13 -5.89 2.77 -32.96
CA LEU A 13 -6.94 2.73 -31.93
C LEU A 13 -8.27 3.33 -32.42
N GLY A 14 -8.29 3.84 -33.66
CA GLY A 14 -9.51 4.38 -34.24
C GLY A 14 -9.99 5.67 -33.58
N THR A 15 -9.07 6.36 -32.90
CA THR A 15 -9.41 7.57 -32.13
C THR A 15 -9.80 8.75 -33.02
N GLU A 16 -9.07 8.95 -34.11
CA GLU A 16 -9.36 10.07 -34.99
C GLU A 16 -10.82 10.02 -35.49
N ASN A 17 -11.29 8.78 -35.70
CA ASN A 17 -12.62 8.56 -36.24
C ASN A 17 -13.71 9.06 -35.30
N LEU A 18 -13.34 9.27 -34.05
CA LEU A 18 -14.32 9.71 -33.04
C LEU A 18 -14.43 11.19 -32.85
N TYR A 19 -13.51 11.97 -33.42
CA TYR A 19 -13.60 13.42 -33.40
C TYR A 19 -13.80 13.95 -31.97
N PHE A 20 -12.91 13.52 -31.08
CA PHE A 20 -12.89 14.15 -29.77
C PHE A 20 -12.41 15.60 -29.88
N GLN A 21 -12.92 16.47 -29.01
CA GLN A 21 -12.61 17.89 -29.05
C GLN A 21 -11.11 18.13 -28.91
N SER A 22 -10.61 19.07 -29.69
CA SER A 22 -9.18 19.38 -29.72
C SER A 22 -8.54 19.61 -28.34
N MET A 23 -9.20 20.39 -27.52
CA MET A 23 -8.61 20.76 -26.23
C MET A 23 -8.52 19.51 -25.37
N PHE A 24 -9.57 18.70 -25.36
CA PHE A 24 -9.58 17.42 -24.65
C PHE A 24 -8.43 16.55 -25.14
N THR A 25 -8.29 16.38 -26.45
CA THR A 25 -7.25 15.53 -26.97
C THR A 25 -5.85 16.04 -26.57
N GLN A 26 -5.60 17.35 -26.69
CA GLN A 26 -4.31 17.95 -26.36
C GLN A 26 -4.00 17.72 -24.87
N ARG A 27 -5.00 17.96 -24.04
CA ARG A 27 -4.85 17.87 -22.58
C ARG A 27 -4.64 16.45 -22.12
N LEU A 28 -5.29 15.48 -22.76
CA LEU A 28 -5.13 14.08 -22.38
C LEU A 28 -3.73 13.63 -22.79
N ASP A 29 -3.29 14.02 -23.97
CA ASP A 29 -1.94 13.68 -24.46
CA ASP A 29 -1.96 13.64 -24.44
C ASP A 29 -0.90 14.27 -23.53
N ALA A 30 -1.11 15.51 -23.10
CA ALA A 30 -0.11 16.21 -22.26
C ALA A 30 -0.10 15.56 -20.89
N ALA A 31 -1.27 15.13 -20.42
CA ALA A 31 -1.34 14.53 -19.10
C ALA A 31 -0.64 13.18 -19.11
N ALA A 32 -0.78 12.41 -20.17
CA ALA A 32 -0.11 11.12 -20.23
C ALA A 32 1.40 11.31 -20.22
N ALA A 33 1.88 12.26 -20.99
CA ALA A 33 3.32 12.51 -21.03
C ALA A 33 3.82 13.02 -19.65
N ALA A 34 3.05 13.89 -18.99
CA ALA A 34 3.41 14.43 -17.70
C ALA A 34 3.45 13.37 -16.60
N VAL A 35 2.48 12.47 -16.60
CA VAL A 35 2.49 11.37 -15.62
C VAL A 35 3.68 10.46 -15.85
N GLN A 36 3.94 10.10 -17.09
CA GLN A 36 5.08 9.23 -17.38
C GLN A 36 6.38 9.90 -16.96
N ALA A 37 6.51 11.20 -17.21
CA ALA A 37 7.73 11.93 -16.85
C ALA A 37 7.93 11.93 -15.35
N HIS A 38 6.84 12.05 -14.61
CA HIS A 38 6.91 12.09 -13.16
C HIS A 38 7.27 10.73 -12.59
N PHE A 39 6.70 9.65 -13.10
CA PHE A 39 7.12 8.30 -12.71
C PHE A 39 8.61 8.12 -12.99
N ASP A 40 9.04 8.57 -14.14
CA ASP A 40 10.45 8.40 -14.53
C ASP A 40 11.34 9.09 -13.52
N LYS A 41 10.99 10.31 -13.15
CA LYS A 41 11.82 11.10 -12.24
C LYS A 41 11.83 10.51 -10.83
N VAL A 42 10.67 10.08 -10.35
CA VAL A 42 10.59 9.54 -9.01
C VAL A 42 11.28 8.18 -8.88
N LEU A 43 11.15 7.31 -9.87
CA LEU A 43 11.71 5.98 -9.86
C LEU A 43 13.23 5.99 -10.13
N ALA A 44 13.70 7.07 -10.73
CA ALA A 44 15.14 7.23 -10.98
C ALA A 44 15.96 7.20 -9.70
N ALA A 45 15.34 7.60 -8.59
CA ALA A 45 16.01 7.64 -7.28
C ALA A 45 16.15 6.27 -6.63
N PHE A 46 15.49 5.25 -7.20
CA PHE A 46 15.47 3.90 -6.61
C PHE A 46 16.54 3.00 -7.26
N GLU A 47 16.95 1.94 -6.56
CA GLU A 47 18.01 1.08 -7.07
C GLU A 47 17.57 0.28 -8.27
N PRO A 48 18.51 -0.04 -9.18
CA PRO A 48 18.20 -0.80 -10.38
C PRO A 48 18.10 -2.31 -10.14
N LEU A 49 17.02 -2.73 -9.48
CA LEU A 49 16.78 -4.11 -9.18
C LEU A 49 15.50 -4.56 -9.86
N PRO A 50 15.28 -5.87 -9.98
CA PRO A 50 14.12 -6.34 -10.72
C PRO A 50 12.81 -5.75 -10.20
N ILE A 51 12.67 -5.66 -8.89
CA ILE A 51 11.42 -5.14 -8.35
C ILE A 51 11.15 -3.73 -8.87
N VAL A 52 12.16 -2.91 -8.93
CA VAL A 52 12.01 -1.52 -9.38
C VAL A 52 11.77 -1.45 -10.89
N GLU A 53 12.45 -2.31 -11.64
CA GLU A 53 12.16 -2.42 -13.07
C GLU A 53 10.69 -2.83 -13.30
N ALA A 54 10.20 -3.75 -12.46
CA ALA A 54 8.80 -4.17 -12.49
C ALA A 54 7.81 -3.05 -12.11
N MET A 55 8.20 -2.21 -11.15
CA MET A 55 7.41 -1.04 -10.84
C MET A 55 7.29 -0.13 -12.06
N ALA A 56 8.39 0.09 -12.78
CA ALA A 56 8.39 0.95 -13.94
C ALA A 56 7.56 0.32 -15.05
N HIS A 57 7.69 -0.99 -15.21
CA HIS A 57 6.91 -1.72 -16.23
C HIS A 57 5.43 -1.52 -15.99
N ALA A 58 5.01 -1.71 -14.76
CA ALA A 58 3.60 -1.69 -14.38
C ALA A 58 2.96 -0.32 -14.45
N THR A 59 3.76 0.73 -14.36
CA THR A 59 3.26 2.06 -14.42
C THR A 59 3.37 2.73 -15.78
N SER A 60 4.03 2.08 -16.74
CA SER A 60 4.16 2.60 -18.07
C SER A 60 2.86 2.36 -18.84
N GLY A 61 2.52 3.31 -19.68
CA GLY A 61 1.37 3.16 -20.53
C GLY A 61 0.08 3.35 -19.76
N GLY A 62 -0.99 2.96 -20.40
CA GLY A 62 -2.32 3.26 -19.90
C GLY A 62 -2.88 4.54 -20.46
N LYS A 63 -4.19 4.65 -20.41
CA LYS A 63 -4.86 5.86 -20.85
C LYS A 63 -4.62 7.06 -19.92
N ARG A 64 -4.28 6.78 -18.67
CA ARG A 64 -4.18 7.82 -17.64
C ARG A 64 -5.49 8.52 -17.32
N LEU A 65 -6.61 7.84 -17.44
CA LEU A 65 -7.86 8.47 -17.11
C LEU A 65 -7.84 9.06 -15.69
N ARG A 66 -7.37 8.28 -14.71
CA ARG A 66 -7.48 8.70 -13.33
C ARG A 66 -6.50 9.86 -13.07
N GLY A 67 -5.28 9.75 -13.53
CA GLY A 67 -4.39 10.91 -13.43
C GLY A 67 -4.84 12.15 -14.16
N PHE A 68 -5.47 11.93 -15.31
CA PHE A 68 -6.05 13.05 -16.06
C PHE A 68 -7.17 13.72 -15.29
N LEU A 69 -8.03 12.93 -14.65
CA LEU A 69 -9.08 13.52 -13.82
C LEU A 69 -8.52 14.41 -12.73
N VAL A 70 -7.42 13.96 -12.11
CA VAL A 70 -6.79 14.78 -11.08
C VAL A 70 -6.30 16.10 -11.67
N LEU A 71 -5.59 16.00 -12.76
CA LEU A 71 -5.02 17.21 -13.38
C LEU A 71 -6.12 18.16 -13.86
N GLU A 72 -7.18 17.62 -14.41
CA GLU A 72 -8.21 18.48 -14.98
C GLU A 72 -9.15 19.05 -13.92
N THR A 73 -9.45 18.31 -12.86
CA THR A 73 -10.20 18.90 -11.77
C THR A 73 -9.35 19.91 -11.00
N ALA A 74 -8.04 19.70 -10.93
CA ALA A 74 -7.15 20.73 -10.35
C ALA A 74 -7.20 22.02 -11.19
N ARG A 75 -7.15 21.84 -12.50
CA ARG A 75 -7.24 23.00 -13.44
C ARG A 75 -8.52 23.75 -13.21
N LEU A 76 -9.60 23.01 -13.03
CA LEU A 76 -10.93 23.57 -12.81
C LEU A 76 -10.94 24.46 -11.56
N HIS A 77 -10.12 24.09 -10.59
CA HIS A 77 -10.07 24.77 -9.30
C HIS A 77 -8.83 25.67 -9.20
N ASP A 78 -8.25 26.01 -10.33
CA ASP A 78 -7.07 26.90 -10.43
C ASP A 78 -5.88 26.46 -9.56
N ILE A 79 -5.69 25.16 -9.46
CA ILE A 79 -4.52 24.59 -8.76
C ILE A 79 -3.41 24.32 -9.78
N ALA A 80 -2.18 24.65 -9.41
CA ALA A 80 -1.03 24.56 -10.31
C ALA A 80 -0.80 23.11 -10.73
N ALA A 81 -0.51 22.92 -12.00
CA ALA A 81 -0.19 21.61 -12.55
C ALA A 81 1.02 21.01 -11.87
N GLY A 82 1.98 21.85 -11.49
CA GLY A 82 3.18 21.38 -10.85
C GLY A 82 2.96 20.80 -9.48
N GLU A 83 1.87 21.19 -8.81
CA GLU A 83 1.40 20.56 -7.57
C GLU A 83 0.54 19.33 -7.89
N ALA A 84 -0.39 19.47 -8.83
CA ALA A 84 -1.38 18.44 -9.06
C ALA A 84 -0.74 17.17 -9.59
N ILE A 85 0.38 17.28 -10.30
CA ILE A 85 1.08 16.10 -10.83
C ILE A 85 1.37 15.04 -9.75
N TRP A 86 1.66 15.48 -8.50
CA TRP A 86 1.97 14.53 -7.45
C TRP A 86 0.76 13.62 -7.21
N SER A 87 -0.42 14.20 -7.05
CA SER A 87 -1.63 13.42 -6.81
C SER A 87 -2.05 12.63 -8.04
N ALA A 88 -1.82 13.17 -9.22
CA ALA A 88 -2.12 12.44 -10.45
C ALA A 88 -1.26 11.18 -10.57
N THR A 89 0.04 11.32 -10.34
CA THR A 89 0.93 10.19 -10.34
C THR A 89 0.59 9.21 -9.21
N ALA A 90 0.20 9.74 -8.07
CA ALA A 90 -0.18 8.87 -6.94
C ALA A 90 -1.32 7.94 -7.32
N ILE A 91 -2.39 8.49 -7.90
CA ILE A 91 -3.52 7.61 -8.20
C ILE A 91 -3.15 6.62 -9.30
N GLU A 92 -2.33 7.03 -10.25
CA GLU A 92 -1.81 6.10 -11.25
C GLU A 92 -0.94 4.96 -10.65
N ALA A 93 -0.18 5.28 -9.61
CA ALA A 93 0.58 4.26 -8.89
C ALA A 93 -0.34 3.28 -8.17
N LEU A 94 -1.36 3.80 -7.52
CA LEU A 94 -2.34 2.98 -6.79
C LEU A 94 -3.05 2.07 -7.81
N HIS A 95 -3.61 2.64 -8.85
CA HIS A 95 -4.25 1.88 -9.91
C HIS A 95 -3.31 0.80 -10.42
N ALA A 96 -2.07 1.18 -10.72
CA ALA A 96 -1.13 0.20 -11.28
C ALA A 96 -0.94 -0.94 -10.33
N TYR A 97 -0.82 -0.66 -9.03
CA TYR A 97 -0.62 -1.75 -8.05
C TYR A 97 -1.79 -2.71 -8.12
N SER A 98 -3.00 -2.18 -8.18
CA SER A 98 -4.21 -3.02 -8.19
C SER A 98 -4.21 -3.96 -9.38
N LEU A 99 -3.69 -3.49 -10.51
CA LEU A 99 -3.70 -4.32 -11.74
C LEU A 99 -2.62 -5.40 -11.65
N VAL A 100 -1.49 -5.08 -11.05
CA VAL A 100 -0.41 -6.07 -10.91
C VAL A 100 -0.95 -7.23 -10.08
N HIS A 101 -1.57 -6.90 -8.96
CA HIS A 101 -2.17 -7.96 -8.12
C HIS A 101 -3.34 -8.67 -8.78
N ASP A 102 -4.24 -7.95 -9.43
CA ASP A 102 -5.38 -8.55 -10.11
C ASP A 102 -4.92 -9.58 -11.14
N ASP A 103 -3.82 -9.28 -11.82
CA ASP A 103 -3.38 -10.12 -12.94
C ASP A 103 -2.82 -11.45 -12.44
N LEU A 104 -2.39 -11.50 -11.17
CA LEU A 104 -1.72 -12.68 -10.59
C LEU A 104 -2.45 -13.98 -10.92
N PRO A 105 -1.66 -15.08 -10.94
CA PRO A 105 -2.30 -16.39 -11.13
C PRO A 105 -3.41 -16.75 -10.13
N CYS A 106 -3.25 -16.36 -8.87
CA CYS A 106 -4.22 -16.67 -7.84
C CYS A 106 -5.48 -15.81 -7.93
N MET A 107 -5.42 -14.76 -8.78
CA MET A 107 -6.56 -13.90 -9.00
C MET A 107 -7.08 -14.10 -10.43
N ASP A 108 -6.89 -13.13 -11.31
CA ASP A 108 -7.47 -13.29 -12.67
C ASP A 108 -6.55 -14.04 -13.62
N ASN A 109 -5.27 -14.16 -13.27
CA ASN A 109 -4.36 -15.00 -14.03
C ASN A 109 -4.30 -14.56 -15.50
N ASP A 110 -3.80 -13.35 -15.72
CA ASP A 110 -3.68 -12.80 -17.05
C ASP A 110 -2.23 -12.60 -17.47
N ASP A 111 -1.95 -12.91 -18.73
CA ASP A 111 -0.60 -12.89 -19.28
C ASP A 111 -0.20 -11.58 -19.96
N MET A 112 -1.18 -10.74 -20.30
CA MET A 112 -0.94 -9.51 -21.02
C MET A 112 -1.76 -8.37 -20.43
N ARG A 113 -1.15 -7.19 -20.39
CA ARG A 113 -1.78 -5.96 -19.88
C ARG A 113 -1.09 -4.83 -20.65
N ARG A 114 -1.88 -3.91 -21.18
CA ARG A 114 -1.36 -2.76 -21.93
C ARG A 114 -0.42 -3.18 -23.08
N GLY A 115 -0.73 -4.33 -23.66
CA GLY A 115 -0.01 -4.86 -24.83
C GLY A 115 1.31 -5.52 -24.53
N GLN A 116 1.61 -5.68 -23.24
CA GLN A 116 2.87 -6.25 -22.83
C GLN A 116 2.66 -7.40 -21.84
N PRO A 117 3.67 -8.23 -21.63
CA PRO A 117 3.51 -9.27 -20.63
C PRO A 117 3.27 -8.63 -19.27
N THR A 118 2.44 -9.29 -18.49
CA THR A 118 2.25 -8.91 -17.10
C THR A 118 3.51 -9.13 -16.27
N VAL A 119 3.57 -8.48 -15.11
CA VAL A 119 4.76 -8.54 -14.31
C VAL A 119 5.15 -9.98 -13.95
N HIS A 120 4.19 -10.78 -13.49
CA HIS A 120 4.53 -12.12 -13.04
C HIS A 120 5.01 -13.00 -14.19
N LYS A 121 4.61 -12.66 -15.41
CA LYS A 121 5.06 -13.39 -16.61
C LYS A 121 6.47 -12.99 -17.01
N LYS A 122 6.76 -11.69 -17.00
CA LYS A 122 8.06 -11.17 -17.36
C LYS A 122 9.12 -11.46 -16.30
N TRP A 123 8.69 -11.46 -15.04
CA TRP A 123 9.56 -11.81 -13.94
C TRP A 123 9.04 -13.10 -13.30
N ASP A 124 8.34 -13.00 -12.16
CA ASP A 124 7.76 -14.13 -11.45
C ASP A 124 6.75 -13.61 -10.43
N ASP A 125 6.04 -14.52 -9.77
CA ASP A 125 4.92 -14.13 -8.91
C ASP A 125 5.46 -13.26 -7.77
N ALA A 126 6.57 -13.63 -7.15
CA ALA A 126 7.07 -12.89 -5.97
C ALA A 126 7.37 -11.44 -6.36
N THR A 127 8.00 -11.28 -7.50
CA THR A 127 8.33 -9.94 -7.98
C THR A 127 7.04 -9.14 -8.20
N ALA A 128 5.98 -9.78 -8.70
CA ALA A 128 4.72 -9.11 -8.94
C ALA A 128 4.09 -8.71 -7.62
N VAL A 129 4.06 -9.62 -6.64
CA VAL A 129 3.51 -9.29 -5.34
C VAL A 129 4.24 -8.07 -4.76
N LEU A 130 5.55 -8.08 -4.81
CA LEU A 130 6.33 -7.03 -4.15
C LEU A 130 6.25 -5.74 -4.92
N ALA A 131 6.26 -5.80 -6.25
CA ALA A 131 6.16 -4.57 -7.03
C ALA A 131 4.80 -3.92 -6.77
N GLY A 132 3.71 -4.69 -6.72
CA GLY A 132 2.41 -4.13 -6.41
C GLY A 132 2.43 -3.52 -5.01
N ASP A 133 3.07 -4.19 -4.04
CA ASP A 133 3.14 -3.72 -2.66
C ASP A 133 3.82 -2.35 -2.65
N ALA A 134 4.97 -2.23 -3.35
CA ALA A 134 5.77 -1.01 -3.32
C ALA A 134 5.07 0.11 -4.06
N LEU A 135 4.25 -0.24 -5.06
CA LEU A 135 3.50 0.78 -5.79
C LEU A 135 2.38 1.36 -4.95
N GLN A 136 1.73 0.54 -4.14
CA GLN A 136 0.80 1.07 -3.18
C GLN A 136 1.53 2.07 -2.27
N THR A 137 2.70 1.69 -1.77
CA THR A 137 3.43 2.54 -0.87
C THR A 137 3.81 3.86 -1.55
N LEU A 138 4.20 3.73 -2.81
CA LEU A 138 4.65 4.89 -3.58
C LEU A 138 3.46 5.88 -3.75
N ALA A 139 2.22 5.39 -3.93
CA ALA A 139 1.07 6.27 -4.03
C ALA A 139 0.99 7.18 -2.81
N PHE A 140 1.15 6.61 -1.62
CA PHE A 140 1.09 7.39 -0.42
C PHE A 140 2.29 8.33 -0.24
N GLU A 141 3.47 7.94 -0.71
CA GLU A 141 4.62 8.84 -0.72
C GLU A 141 4.34 10.03 -1.60
N LEU A 142 3.77 9.80 -2.77
CA LEU A 142 3.53 10.87 -3.74
C LEU A 142 2.51 11.90 -3.24
N VAL A 143 1.43 11.46 -2.60
CA VAL A 143 0.38 12.38 -2.18
C VAL A 143 0.77 13.16 -0.93
N THR A 144 1.74 12.68 -0.15
CA THR A 144 2.15 13.34 1.06
C THR A 144 3.44 14.13 0.91
N HIS A 145 4.10 13.95 -0.23
CA HIS A 145 5.28 14.73 -0.55
C HIS A 145 4.92 16.22 -0.47
N PRO A 146 5.84 17.05 0.02
CA PRO A 146 5.50 18.46 0.18
C PRO A 146 5.12 19.18 -1.13
N GLY A 147 5.56 18.63 -2.24
CA GLY A 147 5.25 19.21 -3.53
C GLY A 147 3.78 19.09 -3.88
N ALA A 148 3.07 18.19 -3.21
CA ALA A 148 1.66 17.92 -3.57
C ALA A 148 0.73 19.06 -3.23
N SER A 149 1.06 19.80 -2.16
CA SER A 149 0.28 20.94 -1.71
C SER A 149 1.10 21.71 -0.69
N ALA A 150 0.96 23.03 -0.69
CA ALA A 150 1.55 23.81 0.42
C ALA A 150 0.82 23.60 1.73
N SER A 151 -0.39 23.09 1.70
CA SER A 151 -1.14 22.80 2.89
C SER A 151 -0.97 21.38 3.37
N ALA A 152 -0.45 21.21 4.57
CA ALA A 152 -0.41 19.88 5.18
C ALA A 152 -1.77 19.29 5.45
N GLU A 153 -2.76 20.12 5.77
CA GLU A 153 -4.10 19.65 5.96
C GLU A 153 -4.63 19.01 4.66
N VAL A 154 -4.31 19.61 3.52
CA VAL A 154 -4.72 19.06 2.22
C VAL A 154 -4.01 17.73 2.02
N ARG A 155 -2.71 17.66 2.27
CA ARG A 155 -1.97 16.40 2.04
C ARG A 155 -2.48 15.28 2.93
N ALA A 156 -2.66 15.56 4.21
CA ALA A 156 -3.16 14.54 5.12
C ALA A 156 -4.54 14.06 4.71
N ASP A 157 -5.40 14.97 4.26
CA ASP A 157 -6.74 14.63 3.83
C ASP A 157 -6.74 13.83 2.53
N LEU A 158 -5.85 14.20 1.61
CA LEU A 158 -5.68 13.40 0.37
C LEU A 158 -5.30 11.98 0.73
N ALA A 159 -4.38 11.81 1.65
CA ALA A 159 -3.91 10.45 2.00
C ALA A 159 -5.02 9.67 2.73
N LEU A 160 -5.72 10.30 3.68
CA LEU A 160 -6.77 9.64 4.40
C LEU A 160 -7.87 9.19 3.42
N SER A 161 -8.34 10.10 2.58
CA SER A 161 -9.32 9.76 1.58
C SER A 161 -8.84 8.65 0.62
N LEU A 162 -7.56 8.67 0.26
CA LEU A 162 -7.04 7.65 -0.68
C LEU A 162 -7.08 6.29 0.01
N ALA A 163 -6.73 6.27 1.30
CA ALA A 163 -6.75 5.02 2.05
C ALA A 163 -8.14 4.49 2.16
N ARG A 164 -9.12 5.35 2.40
CA ARG A 164 -10.50 4.88 2.47
C ARG A 164 -11.07 4.42 1.12
N ALA A 165 -10.70 5.10 0.04
CA ALA A 165 -11.08 4.65 -1.30
C ALA A 165 -10.45 3.30 -1.64
N SER A 166 -9.21 3.08 -1.19
CA SER A 166 -8.39 1.98 -1.70
C SER A 166 -8.56 0.67 -0.93
N GLY A 167 -8.87 0.80 0.35
CA GLY A 167 -8.80 -0.32 1.31
C GLY A 167 -10.02 -1.21 1.38
N ALA A 168 -10.17 -1.83 2.55
CA ALA A 168 -11.22 -2.82 2.79
C ALA A 168 -12.62 -2.28 2.96
N GLN A 169 -12.81 -0.97 2.76
CA GLN A 169 -14.14 -0.39 2.52
C GLN A 169 -14.39 0.07 1.09
N GLY A 170 -13.35 -0.01 0.27
CA GLY A 170 -13.38 0.53 -1.10
C GLY A 170 -12.91 -0.51 -2.09
N MET A 171 -11.81 -0.22 -2.75
CA MET A 171 -11.33 -1.05 -3.83
C MET A 171 -11.10 -2.49 -3.39
N VAL A 172 -10.43 -2.73 -2.25
CA VAL A 172 -10.16 -4.12 -1.85
C VAL A 172 -11.45 -4.85 -1.48
N LEU A 173 -12.41 -4.15 -0.91
CA LEU A 173 -13.74 -4.71 -0.64
C LEU A 173 -14.33 -5.18 -1.96
N GLY A 174 -14.34 -4.31 -2.96
CA GLY A 174 -14.90 -4.67 -4.28
C GLY A 174 -14.24 -5.91 -4.84
N GLN A 175 -12.93 -6.00 -4.75
CA GLN A 175 -12.21 -7.18 -5.21
C GLN A 175 -12.66 -8.41 -4.43
N ALA A 176 -12.77 -8.28 -3.12
CA ALA A 176 -13.09 -9.45 -2.31
C ALA A 176 -14.47 -9.98 -2.69
N LEU A 177 -15.41 -9.07 -2.90
CA LEU A 177 -16.77 -9.43 -3.28
C LEU A 177 -16.78 -10.07 -4.66
N ASP A 178 -15.92 -9.59 -5.55
CA ASP A 178 -15.85 -10.09 -6.91
C ASP A 178 -15.37 -11.52 -6.85
N ILE A 179 -14.32 -11.77 -6.09
CA ILE A 179 -13.78 -13.13 -5.99
C ILE A 179 -14.82 -14.08 -5.41
N ALA A 180 -15.57 -13.65 -4.42
CA ALA A 180 -16.58 -14.52 -3.79
C ALA A 180 -17.65 -14.89 -4.81
N ALA A 181 -17.91 -13.98 -5.73
CA ALA A 181 -18.79 -14.29 -6.88
C ALA A 181 -18.14 -15.22 -7.91
N GLU A 182 -16.88 -14.98 -8.31
CA GLU A 182 -16.24 -15.80 -9.36
C GLU A 182 -16.26 -17.26 -8.92
N THR A 183 -16.00 -17.46 -7.62
CA THR A 183 -15.73 -18.78 -7.07
C THR A 183 -17.01 -19.62 -7.04
N ALA A 184 -18.12 -18.99 -6.62
CA ALA A 184 -19.43 -19.61 -6.63
C ALA A 184 -20.06 -19.66 -8.04
N ARG A 185 -19.41 -19.01 -9.01
CA ARG A 185 -20.03 -18.79 -10.33
C ARG A 185 -21.45 -18.24 -10.13
N ALA A 186 -21.57 -17.22 -9.30
CA ALA A 186 -22.88 -16.84 -8.74
C ALA A 186 -23.61 -15.86 -9.66
N PRO A 187 -24.97 -15.90 -9.63
CA PRO A 187 -25.81 -14.99 -10.40
C PRO A 187 -26.16 -13.75 -9.58
N LEU A 188 -25.60 -12.60 -9.96
CA LEU A 188 -25.85 -11.36 -9.23
C LEU A 188 -26.92 -10.54 -9.92
N SER A 189 -27.67 -9.79 -9.12
CA SER A 189 -28.64 -8.84 -9.63
C SER A 189 -27.92 -7.59 -10.10
N LEU A 190 -28.66 -6.71 -10.75
CA LEU A 190 -28.14 -5.42 -11.18
C LEU A 190 -27.69 -4.57 -9.99
N ASP A 191 -28.45 -4.56 -8.91
CA ASP A 191 -28.04 -3.86 -7.69
C ASP A 191 -26.73 -4.40 -7.12
N GLU A 192 -26.59 -5.72 -7.09
CA GLU A 192 -25.40 -6.35 -6.54
C GLU A 192 -24.15 -6.03 -7.39
N ILE A 193 -24.25 -6.09 -8.71
CA ILE A 193 -23.06 -5.81 -9.51
C ILE A 193 -22.75 -4.32 -9.44
N THR A 194 -23.77 -3.50 -9.19
CA THR A 194 -23.54 -2.08 -9.08
C THR A 194 -22.79 -1.75 -7.78
N ARG A 195 -23.17 -2.39 -6.68
CA ARG A 195 -22.46 -2.20 -5.41
C ARG A 195 -21.01 -2.66 -5.49
N LEU A 196 -20.80 -3.78 -6.16
CA LEU A 196 -19.47 -4.30 -6.41
C LEU A 196 -18.64 -3.27 -7.24
N GLN A 197 -19.22 -2.77 -8.33
CA GLN A 197 -18.55 -1.79 -9.23
C GLN A 197 -18.13 -0.55 -8.40
N GLN A 198 -19.03 -0.07 -7.55
CA GLN A 198 -18.79 1.14 -6.75
C GLN A 198 -17.50 1.03 -5.94
N GLY A 199 -17.24 -0.12 -5.36
CA GLY A 199 -15.97 -0.41 -4.66
C GLY A 199 -14.83 -0.66 -5.63
N LYS A 200 -15.03 -1.57 -6.56
CA LYS A 200 -13.94 -2.16 -7.32
C LYS A 200 -13.33 -1.17 -8.29
N THR A 201 -14.16 -0.36 -8.94
CA THR A 201 -13.73 0.64 -9.88
C THR A 201 -14.20 2.08 -9.60
N GLY A 202 -15.35 2.24 -8.93
CA GLY A 202 -15.88 3.56 -8.68
C GLY A 202 -15.03 4.37 -7.68
N ALA A 203 -14.44 3.68 -6.71
CA ALA A 203 -13.80 4.40 -5.61
C ALA A 203 -12.59 5.19 -6.10
N LEU A 204 -11.73 4.60 -6.91
CA LEU A 204 -10.55 5.34 -7.34
C LEU A 204 -10.95 6.41 -8.31
N ILE A 205 -11.96 6.19 -9.14
CA ILE A 205 -12.38 7.25 -10.11
C ILE A 205 -12.99 8.41 -9.31
N GLY A 206 -13.71 8.09 -8.26
CA GLY A 206 -14.24 9.12 -7.35
C GLY A 206 -13.15 9.92 -6.67
N TRP A 207 -12.10 9.27 -6.20
CA TRP A 207 -10.98 9.96 -5.58
C TRP A 207 -10.34 10.88 -6.60
N SER A 208 -10.15 10.41 -7.82
CA SER A 208 -9.50 11.18 -8.85
C SER A 208 -10.27 12.45 -9.19
N ALA A 209 -11.58 12.32 -9.33
CA ALA A 209 -12.39 13.49 -9.71
C ALA A 209 -12.53 14.47 -8.56
N GLN A 210 -12.53 13.98 -7.34
CA GLN A 210 -12.67 14.88 -6.20
C GLN A 210 -11.36 15.56 -5.90
N ALA A 211 -10.24 15.05 -6.42
CA ALA A 211 -8.92 15.55 -6.03
C ALA A 211 -8.75 17.04 -6.24
N GLY A 212 -9.21 17.56 -7.38
CA GLY A 212 -9.01 18.99 -7.64
C GLY A 212 -9.71 19.84 -6.63
N ALA A 213 -10.92 19.44 -6.22
CA ALA A 213 -11.63 20.18 -5.21
C ALA A 213 -10.92 20.04 -3.87
N ARG A 214 -10.50 18.83 -3.51
CA ARG A 214 -9.78 18.65 -2.26
C ARG A 214 -8.51 19.51 -2.22
N LEU A 215 -7.77 19.59 -3.31
CA LEU A 215 -6.55 20.37 -3.39
C LEU A 215 -6.84 21.86 -3.13
N ALA A 216 -8.04 22.28 -3.48
CA ALA A 216 -8.41 23.71 -3.33
C ALA A 216 -9.25 23.95 -2.09
N GLN A 217 -9.41 22.93 -1.25
CA GLN A 217 -10.21 23.02 -0.03
C GLN A 217 -11.62 23.52 -0.39
N ALA A 218 -12.15 22.98 -1.49
CA ALA A 218 -13.44 23.35 -2.03
C ALA A 218 -14.46 22.23 -1.92
N ASP A 219 -15.72 22.53 -2.13
CA ASP A 219 -16.84 21.59 -2.01
C ASP A 219 -16.69 20.50 -3.08
N THR A 220 -16.80 19.27 -2.66
CA THR A 220 -16.55 18.12 -3.54
C THR A 220 -17.83 17.50 -4.12
N ALA A 221 -19.00 18.01 -3.73
CA ALA A 221 -20.25 17.35 -4.00
C ALA A 221 -20.54 17.15 -5.50
N ALA A 222 -20.32 18.18 -6.31
CA ALA A 222 -20.60 18.12 -7.72
C ALA A 222 -19.66 17.12 -8.40
N LEU A 223 -18.39 17.17 -8.04
CA LEU A 223 -17.43 16.26 -8.66
C LEU A 223 -17.62 14.82 -8.18
N LYS A 224 -18.09 14.66 -6.96
CA LYS A 224 -18.44 13.32 -6.48
C LYS A 224 -19.60 12.74 -7.32
N ARG A 225 -20.64 13.53 -7.56
N ARG A 225 -20.64 13.54 -7.56
CA ARG A 225 -21.76 13.08 -8.38
CA ARG A 225 -21.78 13.12 -8.35
C ARG A 225 -21.33 12.77 -9.80
C ARG A 225 -21.37 12.80 -9.80
N TYR A 226 -20.55 13.68 -10.38
CA TYR A 226 -19.95 13.45 -11.69
C TYR A 226 -19.27 12.09 -11.74
N ALA A 227 -18.44 11.83 -10.75
CA ALA A 227 -17.64 10.65 -10.74
C ALA A 227 -18.46 9.39 -10.54
N GLN A 228 -19.57 9.48 -9.81
CA GLN A 228 -20.46 8.30 -9.64
C GLN A 228 -21.00 7.85 -11.00
N ALA A 229 -21.45 8.79 -11.78
CA ALA A 229 -21.92 8.47 -13.14
C ALA A 229 -20.77 8.03 -14.03
N LEU A 230 -19.70 8.81 -14.03
CA LEU A 230 -18.57 8.50 -14.88
C LEU A 230 -18.03 7.09 -14.63
N GLY A 231 -17.86 6.75 -13.37
CA GLY A 231 -17.28 5.46 -13.04
C GLY A 231 -18.17 4.32 -13.52
N LEU A 232 -19.48 4.47 -13.35
CA LEU A 232 -20.39 3.40 -13.79
C LEU A 232 -20.35 3.31 -15.30
N ALA A 233 -20.36 4.45 -15.99
CA ALA A 233 -20.24 4.43 -17.45
C ALA A 233 -18.94 3.73 -17.86
N PHE A 234 -17.85 4.08 -17.20
CA PHE A 234 -16.56 3.49 -17.47
C PHE A 234 -16.61 1.95 -17.32
N GLN A 235 -17.20 1.45 -16.24
CA GLN A 235 -17.24 0.02 -16.03
C GLN A 235 -18.11 -0.66 -17.08
N ILE A 236 -19.23 -0.06 -17.42
CA ILE A 236 -20.10 -0.63 -18.45
C ILE A 236 -19.31 -0.73 -19.75
N ALA A 237 -18.56 0.31 -20.06
CA ALA A 237 -17.75 0.31 -21.25
C ALA A 237 -16.69 -0.76 -21.21
N ASP A 238 -16.03 -0.93 -20.07
CA ASP A 238 -15.07 -2.02 -19.91
C ASP A 238 -15.70 -3.40 -20.14
N ASP A 239 -16.91 -3.57 -19.61
CA ASP A 239 -17.62 -4.86 -19.76
C ASP A 239 -18.00 -5.09 -21.23
N ILE A 240 -18.39 -4.03 -21.93
CA ILE A 240 -18.64 -4.09 -23.37
C ILE A 240 -17.37 -4.48 -24.17
N LEU A 241 -16.24 -3.87 -23.86
CA LEU A 241 -14.97 -4.19 -24.51
C LEU A 241 -14.58 -5.65 -24.32
N ASP A 242 -14.91 -6.24 -23.16
CA ASP A 242 -14.63 -7.66 -22.97
C ASP A 242 -15.41 -8.50 -23.99
N VAL A 243 -16.55 -8.00 -24.42
CA VAL A 243 -17.46 -8.78 -25.28
C VAL A 243 -17.23 -8.50 -26.76
N THR A 244 -16.99 -7.24 -27.10
CA THR A 244 -16.95 -6.84 -28.50
C THR A 244 -15.59 -6.30 -28.93
N GLY A 245 -14.68 -6.19 -27.98
CA GLY A 245 -13.43 -5.50 -28.25
C GLY A 245 -12.39 -6.37 -28.91
N ASP A 246 -11.33 -5.71 -29.35
CA ASP A 246 -10.24 -6.31 -30.06
C ASP A 246 -8.99 -6.29 -29.17
N SER A 247 -8.49 -7.48 -28.84
CA SER A 247 -7.33 -7.61 -27.93
C SER A 247 -6.09 -6.79 -28.37
N ALA A 248 -5.95 -6.58 -29.66
CA ALA A 248 -4.87 -5.75 -30.19
C ALA A 248 -5.02 -4.27 -29.82
N GLN A 249 -6.26 -3.81 -29.76
CA GLN A 249 -6.56 -2.42 -29.37
C GLN A 249 -6.61 -2.29 -27.84
N VAL A 250 -7.26 -3.25 -27.20
CA VAL A 250 -7.46 -3.16 -25.75
C VAL A 250 -6.19 -3.51 -24.98
N GLY A 251 -5.31 -4.31 -25.56
CA GLY A 251 -4.06 -4.64 -24.90
C GLY A 251 -4.10 -5.71 -23.84
N LYS A 252 -5.25 -6.36 -23.69
CA LYS A 252 -5.44 -7.45 -22.75
C LYS A 252 -6.40 -8.45 -23.42
N ALA A 253 -6.47 -9.64 -22.87
CA ALA A 253 -7.40 -10.65 -23.39
C ALA A 253 -8.85 -10.21 -23.23
N VAL A 254 -9.66 -10.59 -24.21
CA VAL A 254 -11.09 -10.37 -24.18
C VAL A 254 -11.83 -11.71 -24.20
N GLY A 255 -13.14 -11.64 -23.99
CA GLY A 255 -13.96 -12.83 -23.84
C GLY A 255 -13.80 -13.54 -22.51
N LYS A 256 -13.24 -12.84 -21.51
CA LYS A 256 -12.86 -13.47 -20.26
C LYS A 256 -14.04 -13.68 -19.31
N ASP A 257 -14.94 -12.71 -19.27
CA ASP A 257 -15.92 -12.61 -18.21
C ASP A 257 -16.85 -13.83 -18.23
N ALA A 258 -17.32 -14.18 -19.42
CA ALA A 258 -18.15 -15.38 -19.60
C ALA A 258 -17.50 -16.67 -19.07
N SER A 259 -16.25 -16.88 -19.42
CA SER A 259 -15.53 -18.08 -19.01
C SER A 259 -15.38 -18.15 -17.49
N ALA A 260 -15.27 -17.00 -16.83
CA ALA A 260 -15.15 -16.98 -15.36
C ALA A 260 -16.53 -17.02 -14.70
N GLY A 261 -17.59 -17.08 -15.50
CA GLY A 261 -18.96 -17.07 -15.01
C GLY A 261 -19.28 -15.80 -14.24
N LYS A 262 -18.82 -14.67 -14.78
CA LYS A 262 -19.07 -13.34 -14.20
C LYS A 262 -20.38 -12.76 -14.74
N ALA A 263 -21.26 -12.38 -13.83
CA ALA A 263 -22.32 -11.44 -14.12
C ALA A 263 -21.70 -10.07 -14.31
N THR A 264 -22.02 -9.43 -15.43
CA THR A 264 -21.54 -8.09 -15.70
C THR A 264 -22.71 -7.29 -16.23
N PHE A 265 -22.51 -6.01 -16.44
CA PHE A 265 -23.58 -5.22 -16.96
C PHE A 265 -24.06 -5.74 -18.31
N VAL A 266 -23.15 -6.31 -19.08
CA VAL A 266 -23.50 -6.78 -20.41
C VAL A 266 -24.21 -8.12 -20.34
N SER A 267 -23.77 -9.02 -19.47
CA SER A 267 -24.43 -10.32 -19.34
C SER A 267 -25.84 -10.17 -18.78
N LEU A 268 -26.07 -9.19 -17.91
CA LEU A 268 -27.37 -8.97 -17.31
C LEU A 268 -28.29 -8.18 -18.24
N LEU A 269 -27.80 -7.06 -18.77
CA LEU A 269 -28.64 -6.12 -19.51
C LEU A 269 -28.73 -6.50 -20.99
N GLY A 270 -27.73 -7.20 -21.51
CA GLY A 270 -27.49 -7.27 -22.95
C GLY A 270 -26.76 -6.04 -23.48
N LEU A 271 -26.18 -6.18 -24.67
CA LEU A 271 -25.35 -5.11 -25.22
C LEU A 271 -26.11 -3.83 -25.47
N ASP A 272 -27.25 -3.93 -26.13
CA ASP A 272 -28.02 -2.74 -26.48
C ASP A 272 -28.36 -1.92 -25.26
N ALA A 273 -28.85 -2.58 -24.23
CA ALA A 273 -29.33 -1.88 -23.07
C ALA A 273 -28.16 -1.39 -22.22
N ALA A 274 -27.06 -2.14 -22.24
CA ALA A 274 -25.82 -1.67 -21.58
C ALA A 274 -25.32 -0.39 -22.25
N ARG A 275 -25.25 -0.36 -23.57
CA ARG A 275 -24.86 0.85 -24.33
C ARG A 275 -25.78 2.00 -24.02
N ALA A 276 -27.09 1.76 -24.02
CA ALA A 276 -28.02 2.83 -23.76
C ALA A 276 -27.81 3.39 -22.37
N ARG A 277 -27.57 2.53 -21.39
CA ARG A 277 -27.37 2.94 -20.02
C ARG A 277 -26.12 3.80 -19.91
N ALA A 278 -25.06 3.37 -20.56
CA ALA A 278 -23.81 4.13 -20.59
C ALA A 278 -24.08 5.52 -21.21
N MET A 279 -24.84 5.58 -22.29
CA MET A 279 -25.20 6.86 -22.91
C MET A 279 -25.98 7.77 -21.97
N SER A 280 -26.92 7.22 -21.21
CA SER A 280 -27.66 7.98 -20.21
C SER A 280 -26.73 8.54 -19.15
N LEU A 281 -25.72 7.76 -18.82
CA LEU A 281 -24.79 8.16 -17.77
C LEU A 281 -23.86 9.28 -18.21
N ILE A 282 -23.55 9.36 -19.51
CA ILE A 282 -22.88 10.56 -20.07
C ILE A 282 -23.69 11.80 -19.71
N ASP A 283 -25.01 11.73 -19.91
CA ASP A 283 -25.82 12.89 -19.69
C ASP A 283 -25.85 13.24 -18.21
N GLU A 284 -25.94 12.22 -17.35
CA GLU A 284 -25.93 12.42 -15.92
C GLU A 284 -24.65 13.03 -15.45
N ALA A 285 -23.55 12.53 -15.99
CA ALA A 285 -22.22 13.09 -15.67
C ALA A 285 -22.11 14.53 -16.08
N CYS A 286 -22.53 14.83 -17.30
CA CYS A 286 -22.46 16.21 -17.78
C CYS A 286 -23.37 17.14 -16.98
N ASP A 287 -24.57 16.67 -16.64
CA ASP A 287 -25.48 17.47 -15.83
C ASP A 287 -24.88 17.85 -14.48
N SER A 288 -24.11 16.93 -13.88
CA SER A 288 -23.52 17.12 -12.57
C SER A 288 -22.49 18.26 -12.58
N LEU A 289 -22.04 18.67 -13.76
CA LEU A 289 -21.05 19.72 -13.89
C LEU A 289 -21.69 21.10 -14.13
N ALA A 290 -23.01 21.18 -14.13
CA ALA A 290 -23.69 22.44 -14.55
C ALA A 290 -23.22 23.63 -13.73
N THR A 291 -22.92 23.40 -12.46
CA THR A 291 -22.55 24.51 -11.59
C THR A 291 -21.16 25.08 -11.92
N TYR A 292 -20.34 24.36 -12.69
CA TYR A 292 -19.02 24.81 -13.10
C TYR A 292 -19.08 25.61 -14.41
N GLY A 293 -20.20 25.48 -15.11
CA GLY A 293 -20.34 26.12 -16.41
C GLY A 293 -19.28 25.69 -17.40
N ALA A 294 -18.89 26.56 -18.30
CA ALA A 294 -18.09 26.17 -19.46
C ALA A 294 -16.69 25.68 -19.10
N LYS A 295 -16.21 26.08 -17.92
CA LYS A 295 -14.85 25.75 -17.50
C LYS A 295 -14.70 24.22 -17.39
N ALA A 296 -15.83 23.54 -17.26
CA ALA A 296 -15.80 22.08 -17.13
C ALA A 296 -15.91 21.34 -18.46
N ASP A 297 -15.71 22.03 -19.59
CA ASP A 297 -15.95 21.40 -20.87
C ASP A 297 -15.01 20.21 -21.14
N THR A 298 -13.78 20.27 -20.67
CA THR A 298 -12.90 19.11 -20.84
C THR A 298 -13.45 17.87 -20.10
N LEU A 299 -13.97 18.12 -18.90
CA LEU A 299 -14.58 17.05 -18.10
C LEU A 299 -15.87 16.53 -18.74
N ARG A 300 -16.60 17.36 -19.48
CA ARG A 300 -17.75 16.86 -20.24
C ARG A 300 -17.32 15.92 -21.37
N GLU A 301 -16.26 16.29 -22.08
CA GLU A 301 -15.78 15.47 -23.15
C GLU A 301 -15.16 14.16 -22.62
N THR A 302 -14.60 14.22 -21.42
CA THR A 302 -14.09 13.01 -20.75
C THR A 302 -15.20 11.98 -20.57
N ALA A 303 -16.39 12.44 -20.26
CA ALA A 303 -17.52 11.52 -20.10
C ALA A 303 -17.91 10.86 -21.41
N ARG A 304 -17.82 11.60 -22.52
CA ARG A 304 -18.02 10.96 -23.82
C ARG A 304 -16.90 9.97 -24.15
N PHE A 305 -15.66 10.34 -23.86
CA PHE A 305 -14.51 9.46 -24.08
C PHE A 305 -14.66 8.12 -23.34
N VAL A 306 -15.06 8.19 -22.07
CA VAL A 306 -15.11 6.98 -21.28
C VAL A 306 -16.07 5.93 -21.87
N VAL A 307 -17.09 6.38 -22.58
CA VAL A 307 -18.04 5.47 -23.24
C VAL A 307 -17.61 5.12 -24.67
N ARG A 308 -17.06 6.09 -25.40
CA ARG A 308 -16.78 5.88 -26.85
C ARG A 308 -15.39 5.30 -27.17
N ARG A 309 -14.50 5.27 -26.18
CA ARG A 309 -13.14 4.81 -26.37
C ARG A 309 -13.08 3.38 -26.94
N THR A 310 -12.02 3.06 -27.66
CA THR A 310 -11.81 1.69 -28.20
C THR A 310 -10.86 0.85 -27.35
N HIS A 311 -10.37 1.42 -26.26
CA HIS A 311 -9.40 0.75 -25.41
C HIS A 311 -9.51 1.36 -24.02
N SER B 22 10.02 -5.14 36.16
CA SER B 22 8.57 -5.31 36.49
C SER B 22 7.77 -4.20 35.82
N MET B 23 8.23 -2.97 36.00
CA MET B 23 7.53 -1.83 35.41
C MET B 23 7.59 -1.90 33.88
N PHE B 24 8.73 -2.33 33.33
CA PHE B 24 8.88 -2.53 31.89
C PHE B 24 7.90 -3.60 31.36
N THR B 25 7.88 -4.76 32.01
CA THR B 25 7.04 -5.86 31.60
C THR B 25 5.55 -5.46 31.65
N GLN B 26 5.18 -4.65 32.63
CA GLN B 26 3.80 -4.21 32.82
C GLN B 26 3.40 -3.26 31.70
N ARG B 27 4.33 -2.37 31.34
CA ARG B 27 4.11 -1.39 30.28
C ARG B 27 3.94 -2.10 28.95
N LEU B 28 4.76 -3.11 28.70
CA LEU B 28 4.69 -3.84 27.45
C LEU B 28 3.35 -4.59 27.35
N ASP B 29 2.96 -5.27 28.42
CA ASP B 29 1.67 -5.93 28.47
C ASP B 29 0.49 -5.00 28.24
N ALA B 30 0.55 -3.81 28.83
CA ALA B 30 -0.53 -2.86 28.69
C ALA B 30 -0.54 -2.33 27.24
N ALA B 31 0.65 -2.17 26.65
CA ALA B 31 0.70 -1.65 25.27
C ALA B 31 0.11 -2.66 24.31
N ALA B 32 0.44 -3.93 24.51
CA ALA B 32 -0.09 -5.00 23.66
C ALA B 32 -1.63 -5.00 23.74
N ALA B 33 -2.18 -4.90 24.95
CA ALA B 33 -3.63 -4.85 25.10
C ALA B 33 -4.22 -3.64 24.40
N ALA B 34 -3.56 -2.49 24.51
CA ALA B 34 -4.08 -1.25 23.92
C ALA B 34 -4.12 -1.36 22.38
N VAL B 35 -3.06 -1.89 21.81
CA VAL B 35 -3.00 -2.08 20.33
C VAL B 35 -4.08 -3.07 19.89
N GLN B 36 -4.23 -4.18 20.60
CA GLN B 36 -5.29 -5.15 20.24
C GLN B 36 -6.66 -4.52 20.33
N ALA B 37 -6.89 -3.73 21.37
CA ALA B 37 -8.18 -3.05 21.52
C ALA B 37 -8.46 -2.10 20.36
N HIS B 38 -7.41 -1.43 19.87
CA HIS B 38 -7.57 -0.48 18.78
C HIS B 38 -7.85 -1.19 17.45
N PHE B 39 -7.19 -2.31 17.19
CA PHE B 39 -7.49 -3.14 16.04
C PHE B 39 -8.94 -3.65 16.13
N ASP B 40 -9.33 -4.08 17.32
CA ASP B 40 -10.68 -4.64 17.50
C ASP B 40 -11.74 -3.58 17.18
N LYS B 41 -11.49 -2.33 17.60
CA LYS B 41 -12.42 -1.22 17.27
C LYS B 41 -12.47 -0.91 15.78
N VAL B 42 -11.30 -0.67 15.19
CA VAL B 42 -11.26 -0.25 13.84
C VAL B 42 -11.81 -1.34 12.92
N LEU B 43 -11.38 -2.58 13.09
CA LEU B 43 -11.77 -3.65 12.21
C LEU B 43 -13.26 -4.01 12.35
N ALA B 44 -13.82 -3.76 13.53
CA ALA B 44 -15.25 -4.04 13.72
C ALA B 44 -16.09 -3.08 12.87
N ALA B 45 -15.54 -1.97 12.40
CA ALA B 45 -16.27 -1.06 11.53
C ALA B 45 -16.36 -1.54 10.09
N PHE B 46 -15.55 -2.52 9.70
CA PHE B 46 -15.55 -3.06 8.35
C PHE B 46 -16.59 -4.19 8.26
N GLU B 47 -16.96 -4.55 7.05
CA GLU B 47 -17.93 -5.63 6.84
C GLU B 47 -17.35 -6.95 7.25
N PRO B 48 -18.21 -7.83 7.76
CA PRO B 48 -17.78 -9.11 8.31
C PRO B 48 -17.56 -10.15 7.22
N LEU B 49 -16.53 -9.94 6.40
CA LEU B 49 -16.22 -10.82 5.26
C LEU B 49 -14.91 -11.54 5.54
N PRO B 50 -14.63 -12.59 4.74
CA PRO B 50 -13.41 -13.34 5.01
C PRO B 50 -12.14 -12.49 4.97
N ILE B 51 -12.03 -11.57 4.02
CA ILE B 51 -10.83 -10.74 3.95
C ILE B 51 -10.60 -9.97 5.25
N VAL B 52 -11.68 -9.46 5.84
CA VAL B 52 -11.57 -8.69 7.09
C VAL B 52 -11.25 -9.65 8.27
N GLU B 53 -11.87 -10.82 8.29
CA GLU B 53 -11.47 -11.86 9.24
C GLU B 53 -9.97 -12.22 9.14
N ALA B 54 -9.46 -12.22 7.92
CA ALA B 54 -8.03 -12.50 7.70
C ALA B 54 -7.18 -11.33 8.19
N MET B 55 -7.67 -10.10 8.02
CA MET B 55 -6.97 -8.95 8.57
C MET B 55 -6.85 -9.01 10.06
N ALA B 56 -7.94 -9.41 10.71
CA ALA B 56 -7.93 -9.59 12.17
C ALA B 56 -6.98 -10.70 12.61
N HIS B 57 -7.04 -11.84 11.92
CA HIS B 57 -6.15 -12.97 12.17
C HIS B 57 -4.68 -12.51 12.12
N ALA B 58 -4.35 -11.71 11.10
CA ALA B 58 -2.96 -11.36 10.84
C ALA B 58 -2.41 -10.33 11.83
N THR B 59 -3.31 -9.57 12.47
CA THR B 59 -2.92 -8.51 13.37
C THR B 59 -3.02 -8.87 14.84
N SER B 60 -3.56 -10.05 15.12
CA SER B 60 -3.64 -10.56 16.49
C SER B 60 -2.30 -11.10 16.92
N GLY B 61 -2.00 -10.90 18.18
CA GLY B 61 -0.79 -11.45 18.74
C GLY B 61 0.44 -10.66 18.33
N GLY B 62 1.59 -11.28 18.49
CA GLY B 62 2.85 -10.58 18.29
C GLY B 62 3.33 -9.95 19.58
N LYS B 63 4.62 -9.70 19.65
CA LYS B 63 5.19 -9.03 20.81
C LYS B 63 4.80 -7.56 20.89
N ARG B 64 4.44 -6.97 19.75
CA ARG B 64 4.16 -5.53 19.64
C ARG B 64 5.36 -4.64 19.90
N LEU B 65 6.55 -5.13 19.55
CA LEU B 65 7.73 -4.31 19.73
C LEU B 65 7.60 -2.93 19.04
N ARG B 66 7.18 -2.93 17.78
CA ARG B 66 7.12 -1.70 16.99
C ARG B 66 6.04 -0.78 17.55
N GLY B 67 4.85 -1.31 17.84
CA GLY B 67 3.86 -0.48 18.48
C GLY B 67 4.30 0.08 19.82
N PHE B 68 4.97 -0.76 20.59
CA PHE B 68 5.48 -0.35 21.89
C PHE B 68 6.51 0.76 21.77
N LEU B 69 7.39 0.68 20.76
CA LEU B 69 8.32 1.75 20.50
C LEU B 69 7.59 3.08 20.25
N VAL B 70 6.54 3.03 19.41
CA VAL B 70 5.78 4.24 19.17
C VAL B 70 5.24 4.78 20.51
N LEU B 71 4.57 3.93 21.25
CA LEU B 71 3.91 4.40 22.49
C LEU B 71 4.97 4.95 23.46
N GLU B 72 6.11 4.29 23.57
CA GLU B 72 7.10 4.71 24.56
C GLU B 72 7.91 5.92 24.14
N THR B 73 8.19 6.07 22.84
CA THR B 73 8.85 7.28 22.40
C THR B 73 7.87 8.45 22.43
N ALA B 74 6.58 8.18 22.21
CA ALA B 74 5.58 9.25 22.42
C ALA B 74 5.55 9.70 23.89
N ARG B 75 5.50 8.73 24.81
N ARG B 75 5.55 8.72 24.80
CA ARG B 75 5.53 9.03 26.27
CA ARG B 75 5.51 8.99 26.25
C ARG B 75 6.76 9.89 26.57
C ARG B 75 6.77 9.74 26.71
N LEU B 76 7.90 9.49 26.02
CA LEU B 76 9.14 10.23 26.24
C LEU B 76 9.03 11.69 25.84
N HIS B 77 8.25 11.93 24.80
CA HIS B 77 8.09 13.27 24.28
C HIS B 77 6.78 13.93 24.74
N ASP B 78 6.19 13.40 25.81
CA ASP B 78 4.98 13.96 26.45
C ASP B 78 3.81 14.10 25.49
N ILE B 79 3.70 13.13 24.58
CA ILE B 79 2.55 13.05 23.69
C ILE B 79 1.49 12.17 24.35
N ALA B 80 0.23 12.55 24.19
CA ALA B 80 -0.87 11.78 24.76
C ALA B 80 -0.96 10.36 24.22
N ALA B 81 -1.16 9.41 25.10
CA ALA B 81 -1.27 8.00 24.71
C ALA B 81 -2.45 7.77 23.78
N GLY B 82 -3.53 8.53 23.98
CA GLY B 82 -4.70 8.44 23.13
C GLY B 82 -4.49 8.90 21.70
N GLU B 83 -3.46 9.75 21.47
CA GLU B 83 -3.03 10.11 20.13
C GLU B 83 -2.07 9.03 19.61
N ALA B 84 -1.10 8.65 20.43
CA ALA B 84 -0.02 7.75 19.98
C ALA B 84 -0.55 6.40 19.53
N ILE B 85 -1.69 5.97 20.09
CA ILE B 85 -2.23 4.68 19.73
C ILE B 85 -2.51 4.51 18.23
N TRP B 86 -2.82 5.62 17.55
CA TRP B 86 -3.10 5.57 16.12
C TRP B 86 -1.87 5.17 15.35
N SER B 87 -0.74 5.79 15.69
CA SER B 87 0.56 5.44 15.06
C SER B 87 1.11 4.12 15.49
N ALA B 88 0.84 3.71 16.73
CA ALA B 88 1.28 2.41 17.18
C ALA B 88 0.54 1.30 16.45
N THR B 89 -0.78 1.47 16.29
CA THR B 89 -1.59 0.49 15.56
C THR B 89 -1.23 0.53 14.06
N ALA B 90 -0.91 1.72 13.53
CA ALA B 90 -0.50 1.83 12.13
C ALA B 90 0.73 0.98 11.85
N ILE B 91 1.77 1.13 12.65
CA ILE B 91 3.01 0.37 12.35
C ILE B 91 2.77 -1.12 12.55
N GLU B 92 1.91 -1.50 13.49
CA GLU B 92 1.57 -2.90 13.62
C GLU B 92 0.80 -3.46 12.41
N ALA B 93 -0.06 -2.63 11.81
CA ALA B 93 -0.76 -3.02 10.59
C ALA B 93 0.22 -3.21 9.43
N LEU B 94 1.14 -2.27 9.26
CA LEU B 94 2.14 -2.34 8.22
C LEU B 94 2.98 -3.59 8.42
N HIS B 95 3.52 -3.78 9.60
CA HIS B 95 4.29 -4.98 9.89
C HIS B 95 3.50 -6.25 9.62
N ALA B 96 2.24 -6.28 10.03
CA ALA B 96 1.40 -7.45 9.83
C ALA B 96 1.23 -7.75 8.34
N TYR B 97 1.02 -6.71 7.54
CA TYR B 97 0.91 -6.92 6.10
C TYR B 97 2.16 -7.58 5.57
N SER B 98 3.31 -7.10 6.00
CA SER B 98 4.59 -7.57 5.45
C SER B 98 4.73 -9.06 5.75
N LEU B 99 4.27 -9.50 6.92
CA LEU B 99 4.38 -10.91 7.27
C LEU B 99 3.40 -11.75 6.47
N VAL B 100 2.18 -11.27 6.24
CA VAL B 100 1.22 -12.01 5.45
C VAL B 100 1.76 -12.29 4.05
N HIS B 101 2.36 -11.30 3.42
CA HIS B 101 2.97 -11.51 2.10
C HIS B 101 4.26 -12.33 2.17
N ASP B 102 5.10 -12.13 3.17
CA ASP B 102 6.34 -12.91 3.30
C ASP B 102 6.03 -14.38 3.43
N ASP B 103 4.94 -14.70 4.10
CA ASP B 103 4.65 -16.11 4.39
C ASP B 103 4.11 -16.85 3.16
N LEU B 104 3.66 -16.14 2.12
CA LEU B 104 3.10 -16.72 0.90
C LEU B 104 3.97 -17.82 0.26
N PRO B 105 3.30 -18.75 -0.44
CA PRO B 105 4.05 -19.85 -1.07
C PRO B 105 5.13 -19.37 -2.02
N CYS B 106 4.88 -18.29 -2.75
CA CYS B 106 5.88 -17.76 -3.66
C CYS B 106 7.02 -17.03 -2.96
N MET B 107 6.89 -16.80 -1.67
CA MET B 107 7.91 -16.14 -0.91
C MET B 107 8.55 -17.14 0.05
N ASP B 108 8.34 -17.02 1.35
CA ASP B 108 9.03 -17.91 2.29
C ASP B 108 8.21 -19.20 2.53
N ASN B 109 6.94 -19.21 2.11
CA ASN B 109 6.14 -20.44 2.13
C ASN B 109 6.04 -21.04 3.53
N ASP B 110 5.54 -20.27 4.47
CA ASP B 110 5.47 -20.70 5.85
C ASP B 110 4.01 -21.01 6.20
N ASP B 111 3.82 -22.10 6.94
CA ASP B 111 2.51 -22.58 7.35
C ASP B 111 2.03 -22.06 8.70
N MET B 112 2.94 -21.52 9.51
CA MET B 112 2.64 -21.09 10.87
C MET B 112 3.32 -19.75 11.15
N ARG B 113 2.62 -18.91 11.91
CA ARG B 113 3.11 -17.60 12.33
C ARG B 113 2.40 -17.26 13.64
N ARG B 114 3.18 -16.86 14.66
CA ARG B 114 2.65 -16.52 15.97
C ARG B 114 1.84 -17.67 16.57
N GLY B 115 2.26 -18.90 16.26
CA GLY B 115 1.62 -20.13 16.78
C GLY B 115 0.34 -20.57 16.09
N GLN B 116 -0.04 -19.87 15.03
CA GLN B 116 -1.32 -20.10 14.35
C GLN B 116 -1.07 -20.33 12.88
N PRO B 117 -2.03 -20.91 12.17
CA PRO B 117 -1.86 -21.04 10.72
C PRO B 117 -1.68 -19.66 10.11
N THR B 118 -0.90 -19.60 9.04
CA THR B 118 -0.81 -18.36 8.23
C THR B 118 -2.09 -18.13 7.43
N VAL B 119 -2.29 -16.90 6.97
CA VAL B 119 -3.50 -16.56 6.28
C VAL B 119 -3.76 -17.44 5.04
N HIS B 120 -2.74 -17.67 4.22
CA HIS B 120 -2.96 -18.43 2.99
C HIS B 120 -3.28 -19.87 3.33
N LYS B 121 -2.81 -20.34 4.47
CA LYS B 121 -3.14 -21.73 4.88
C LYS B 121 -4.59 -21.86 5.33
N LYS B 122 -5.01 -20.96 6.23
CA LYS B 122 -6.34 -20.95 6.74
C LYS B 122 -7.37 -20.58 5.68
N TRP B 123 -7.03 -19.60 4.86
CA TRP B 123 -7.89 -19.22 3.76
C TRP B 123 -7.24 -19.69 2.46
N ASP B 124 -6.74 -18.80 1.64
CA ASP B 124 -6.12 -19.17 0.38
C ASP B 124 -5.23 -18.02 -0.06
N ASP B 125 -4.49 -18.21 -1.15
CA ASP B 125 -3.46 -17.27 -1.54
C ASP B 125 -4.08 -15.92 -1.87
N ALA B 126 -5.20 -15.92 -2.59
CA ALA B 126 -5.87 -14.64 -2.96
C ALA B 126 -6.21 -13.87 -1.69
N THR B 127 -6.79 -14.52 -0.71
CA THR B 127 -7.23 -13.85 0.48
C THR B 127 -6.05 -13.25 1.24
N ALA B 128 -4.91 -13.96 1.25
CA ALA B 128 -3.69 -13.50 1.85
C ALA B 128 -3.16 -12.28 1.11
N VAL B 129 -3.14 -12.33 -0.20
CA VAL B 129 -2.67 -11.19 -1.00
C VAL B 129 -3.51 -9.97 -0.66
N LEU B 130 -4.82 -10.15 -0.71
CA LEU B 130 -5.72 -9.02 -0.49
C LEU B 130 -5.71 -8.52 0.96
N ALA B 131 -5.65 -9.43 1.93
CA ALA B 131 -5.61 -9.00 3.32
C ALA B 131 -4.36 -8.18 3.58
N GLY B 132 -3.23 -8.64 3.07
CA GLY B 132 -2.03 -7.89 3.20
C GLY B 132 -2.15 -6.54 2.55
N ASP B 133 -2.72 -6.51 1.34
CA ASP B 133 -2.93 -5.23 0.65
C ASP B 133 -3.71 -4.26 1.51
N ALA B 134 -4.83 -4.74 2.07
CA ALA B 134 -5.74 -3.85 2.80
C ALA B 134 -5.11 -3.43 4.13
N LEU B 135 -4.21 -4.25 4.68
CA LEU B 135 -3.54 -3.89 5.93
C LEU B 135 -2.51 -2.80 5.70
N GLN B 136 -1.83 -2.84 4.56
CA GLN B 136 -0.97 -1.71 4.20
C GLN B 136 -1.82 -0.43 4.13
N THR B 137 -2.95 -0.53 3.45
CA THR B 137 -3.77 0.67 3.26
C THR B 137 -4.23 1.17 4.65
N LEU B 138 -4.61 0.26 5.52
CA LEU B 138 -5.11 0.61 6.86
C LEU B 138 -4.02 1.34 7.66
N ALA B 139 -2.74 0.99 7.48
CA ALA B 139 -1.68 1.64 8.18
C ALA B 139 -1.72 3.14 7.86
N PHE B 140 -1.92 3.48 6.58
CA PHE B 140 -1.95 4.87 6.17
C PHE B 140 -3.21 5.57 6.62
N GLU B 141 -4.32 4.87 6.64
CA GLU B 141 -5.56 5.42 7.23
C GLU B 141 -5.37 5.76 8.70
N LEU B 142 -4.66 4.91 9.43
CA LEU B 142 -4.50 5.11 10.87
C LEU B 142 -3.59 6.26 11.21
N VAL B 143 -2.51 6.49 10.46
CA VAL B 143 -1.64 7.60 10.78
C VAL B 143 -2.19 8.95 10.34
N THR B 144 -3.04 8.96 9.30
CA THR B 144 -3.58 10.18 8.81
C THR B 144 -4.92 10.54 9.40
N HIS B 145 -5.52 9.66 10.17
CA HIS B 145 -6.73 9.94 10.91
C HIS B 145 -6.49 11.12 11.86
N PRO B 146 -7.46 12.04 12.01
CA PRO B 146 -7.20 13.21 12.81
C PRO B 146 -6.86 12.94 14.27
N GLY B 147 -7.23 11.78 14.75
CA GLY B 147 -6.89 11.40 16.10
C GLY B 147 -5.38 11.25 16.31
N ALA B 148 -4.65 10.99 15.23
CA ALA B 148 -3.23 10.72 15.38
C ALA B 148 -2.41 11.90 15.86
N SER B 149 -2.90 13.11 15.55
CA SER B 149 -2.25 14.36 15.96
C SER B 149 -3.18 15.50 15.58
N ALA B 150 -3.20 16.52 16.43
CA ALA B 150 -3.90 17.73 16.08
C ALA B 150 -3.23 18.52 14.95
N SER B 151 -1.96 18.24 14.70
CA SER B 151 -1.17 18.89 13.68
C SER B 151 -1.20 18.13 12.36
N ALA B 152 -1.79 18.71 11.33
CA ALA B 152 -1.72 18.11 10.02
C ALA B 152 -0.29 17.98 9.50
N GLU B 153 0.61 18.89 9.88
CA GLU B 153 1.99 18.77 9.49
C GLU B 153 2.55 17.48 10.03
N VAL B 154 2.21 17.16 11.28
CA VAL B 154 2.68 15.93 11.88
C VAL B 154 2.11 14.74 11.09
N ARG B 155 0.81 14.73 10.84
CA ARG B 155 0.22 13.55 10.21
C ARG B 155 0.80 13.34 8.82
N ALA B 156 0.96 14.39 8.04
CA ALA B 156 1.53 14.29 6.69
C ALA B 156 2.95 13.77 6.79
N ASP B 157 3.71 14.21 7.79
CA ASP B 157 5.09 13.77 7.98
C ASP B 157 5.15 12.31 8.39
N LEU B 158 4.22 11.90 9.25
CA LEU B 158 4.18 10.49 9.67
C LEU B 158 3.91 9.62 8.45
N ALA B 159 2.96 10.00 7.61
CA ALA B 159 2.63 9.21 6.44
C ALA B 159 3.77 9.18 5.41
N LEU B 160 4.39 10.33 5.13
CA LEU B 160 5.47 10.40 4.17
C LEU B 160 6.63 9.55 4.64
N SER B 161 7.02 9.69 5.89
CA SER B 161 8.12 8.88 6.43
C SER B 161 7.77 7.41 6.48
N LEU B 162 6.52 7.09 6.75
CA LEU B 162 6.10 5.68 6.77
C LEU B 162 6.26 5.09 5.36
N ALA B 163 5.84 5.85 4.36
CA ALA B 163 5.92 5.35 2.98
C ALA B 163 7.40 5.16 2.61
N ARG B 164 8.26 6.09 2.98
CA ARG B 164 9.68 5.95 2.67
C ARG B 164 10.35 4.78 3.39
N ALA B 165 9.90 4.51 4.62
CA ALA B 165 10.42 3.36 5.37
C ALA B 165 9.91 2.05 4.81
N SER B 166 8.68 2.07 4.30
CA SER B 166 8.02 0.79 3.94
C SER B 166 8.24 0.29 2.50
N GLY B 167 8.57 1.21 1.60
CA GLY B 167 8.50 0.95 0.17
C GLY B 167 9.83 0.49 -0.36
N ALA B 168 10.06 0.76 -1.65
CA ALA B 168 11.17 0.14 -2.35
C ALA B 168 12.48 0.85 -2.13
N GLN B 169 12.55 1.79 -1.17
CA GLN B 169 13.84 2.27 -0.58
C GLN B 169 14.06 1.77 0.85
N GLY B 170 13.10 1.00 1.36
CA GLY B 170 13.09 0.58 2.76
C GLY B 170 12.76 -0.90 2.87
N MET B 171 11.63 -1.21 3.45
CA MET B 171 11.29 -2.59 3.75
C MET B 171 11.18 -3.43 2.51
N VAL B 172 10.55 -2.93 1.45
CA VAL B 172 10.44 -3.75 0.25
C VAL B 172 11.79 -3.93 -0.46
N LEU B 173 12.67 -2.94 -0.36
CA LEU B 173 14.07 -3.02 -0.86
C LEU B 173 14.74 -4.18 -0.15
N GLY B 174 14.64 -4.19 1.17
CA GLY B 174 15.21 -5.30 1.93
C GLY B 174 14.71 -6.66 1.44
N GLN B 175 13.41 -6.79 1.28
CA GLN B 175 12.83 -8.05 0.81
C GLN B 175 13.37 -8.43 -0.57
N ALA B 176 13.49 -7.44 -1.44
CA ALA B 176 14.01 -7.69 -2.77
C ALA B 176 15.46 -8.16 -2.71
N LEU B 177 16.25 -7.57 -1.82
CA LEU B 177 17.65 -7.95 -1.65
C LEU B 177 17.75 -9.36 -1.10
N ASP B 178 16.81 -9.72 -0.23
CA ASP B 178 16.82 -11.03 0.43
C ASP B 178 16.51 -12.10 -0.60
N ILE B 179 15.58 -11.80 -1.50
CA ILE B 179 15.22 -12.78 -2.51
C ILE B 179 16.32 -12.96 -3.54
N ALA B 180 16.98 -11.88 -3.92
CA ALA B 180 18.11 -11.93 -4.83
C ALA B 180 19.27 -12.74 -4.24
N ALA B 181 19.44 -12.63 -2.92
CA ALA B 181 20.49 -13.38 -2.23
C ALA B 181 20.35 -14.88 -2.41
N GLU B 182 19.11 -15.36 -2.49
CA GLU B 182 18.83 -16.79 -2.61
C GLU B 182 19.40 -17.44 -3.87
N THR B 183 19.63 -16.66 -4.91
CA THR B 183 20.29 -17.19 -6.09
C THR B 183 21.50 -16.33 -6.47
N ALA B 184 22.13 -15.73 -5.47
CA ALA B 184 23.40 -15.06 -5.67
C ALA B 184 24.47 -16.13 -5.91
N ARG B 185 25.49 -15.77 -6.67
CA ARG B 185 26.56 -16.71 -7.04
C ARG B 185 27.40 -17.12 -5.82
N ALA B 186 27.64 -16.16 -4.91
CA ALA B 186 28.38 -16.40 -3.68
C ALA B 186 27.53 -15.92 -2.50
N PRO B 187 27.82 -16.42 -1.28
CA PRO B 187 27.13 -15.92 -0.10
C PRO B 187 27.42 -14.45 0.18
N LEU B 188 26.47 -13.77 0.82
CA LEU B 188 26.64 -12.36 1.08
C LEU B 188 27.71 -12.15 2.16
N SER B 189 28.41 -11.03 2.04
CA SER B 189 29.31 -10.54 3.06
C SER B 189 28.55 -9.96 4.23
N LEU B 190 29.29 -9.65 5.28
CA LEU B 190 28.73 -8.94 6.42
C LEU B 190 28.15 -7.55 6.08
N ASP B 191 28.86 -6.76 5.31
CA ASP B 191 28.36 -5.45 4.89
C ASP B 191 27.07 -5.59 4.08
N GLU B 192 27.03 -6.59 3.23
CA GLU B 192 25.84 -6.82 2.41
C GLU B 192 24.65 -7.26 3.25
N ILE B 193 24.82 -8.21 4.19
CA ILE B 193 23.66 -8.61 5.01
C ILE B 193 23.28 -7.46 5.94
N THR B 194 24.21 -6.58 6.23
CA THR B 194 23.87 -5.47 7.14
C THR B 194 23.02 -4.43 6.39
N ARG B 195 23.39 -4.13 5.15
CA ARG B 195 22.57 -3.24 4.34
C ARG B 195 21.17 -3.85 4.09
N LEU B 196 21.11 -5.15 3.83
CA LEU B 196 19.86 -5.88 3.72
C LEU B 196 19.00 -5.73 5.00
N GLN B 197 19.60 -5.99 6.15
CA GLN B 197 18.92 -5.85 7.43
C GLN B 197 18.37 -4.44 7.61
N GLN B 198 19.16 -3.44 7.26
N GLN B 198 19.14 -3.42 7.25
CA GLN B 198 18.74 -2.06 7.43
CA GLN B 198 18.68 -2.07 7.51
C GLN B 198 17.41 -1.79 6.74
C GLN B 198 17.45 -1.68 6.69
N GLY B 199 17.23 -2.35 5.55
CA GLY B 199 15.96 -2.21 4.82
C GLY B 199 14.91 -3.13 5.37
N LYS B 200 15.23 -4.42 5.48
CA LYS B 200 14.24 -5.41 5.72
C LYS B 200 13.58 -5.33 7.11
N THR B 201 14.38 -5.02 8.11
CA THR B 201 13.88 -4.87 9.48
C THR B 201 14.26 -3.56 10.15
N GLY B 202 15.35 -2.89 9.74
CA GLY B 202 15.75 -1.66 10.35
C GLY B 202 14.77 -0.54 10.10
N ALA B 203 14.21 -0.51 8.91
CA ALA B 203 13.44 0.68 8.51
C ALA B 203 12.20 0.84 9.38
N LEU B 204 11.42 -0.21 9.57
CA LEU B 204 10.18 -0.09 10.34
C LEU B 204 10.52 0.16 11.79
N ILE B 205 11.58 -0.46 12.30
CA ILE B 205 11.99 -0.20 13.69
C ILE B 205 12.43 1.27 13.85
N GLY B 206 13.16 1.78 12.88
CA GLY B 206 13.50 3.19 12.85
C GLY B 206 12.29 4.12 12.81
N TRP B 207 11.24 3.75 12.07
CA TRP B 207 10.06 4.59 12.02
C TRP B 207 9.42 4.59 13.37
N SER B 208 9.33 3.43 13.98
CA SER B 208 8.67 3.26 15.26
C SER B 208 9.35 4.07 16.35
N ALA B 209 10.67 4.03 16.41
CA ALA B 209 11.40 4.77 17.43
C ALA B 209 11.40 6.26 17.19
N GLN B 210 11.41 6.71 15.94
CA GLN B 210 11.37 8.13 15.67
C GLN B 210 9.99 8.71 15.83
N ALA B 211 8.97 7.86 15.92
CA ALA B 211 7.59 8.33 15.85
C ALA B 211 7.34 9.34 16.96
N GLY B 212 7.81 9.04 18.16
CA GLY B 212 7.54 9.96 19.28
C GLY B 212 8.11 11.35 19.09
N ALA B 213 9.33 11.44 18.56
CA ALA B 213 9.92 12.73 18.20
C ALA B 213 9.12 13.38 17.08
N ARG B 214 8.77 12.64 16.06
CA ARG B 214 8.01 13.24 14.97
C ARG B 214 6.65 13.79 15.49
N LEU B 215 5.99 13.06 16.39
CA LEU B 215 4.72 13.46 16.95
C LEU B 215 4.88 14.80 17.66
N ALA B 216 6.05 15.00 18.28
CA ALA B 216 6.31 16.24 19.02
C ALA B 216 7.03 17.30 18.19
N GLN B 217 7.21 17.04 16.91
CA GLN B 217 8.02 17.89 16.02
C GLN B 217 9.38 18.23 16.61
N ALA B 218 9.99 17.22 17.20
CA ALA B 218 11.28 17.33 17.87
C ALA B 218 12.37 16.67 17.05
N ASP B 219 13.62 16.92 17.43
CA ASP B 219 14.75 16.35 16.73
C ASP B 219 14.76 14.85 16.82
N THR B 220 14.89 14.19 15.67
CA THR B 220 14.86 12.70 15.63
C THR B 220 16.22 12.01 15.70
N ALA B 221 17.31 12.75 15.78
CA ALA B 221 18.65 12.15 15.59
C ALA B 221 18.99 11.09 16.62
N ALA B 222 18.70 11.37 17.89
CA ALA B 222 19.09 10.44 18.94
C ALA B 222 18.28 9.15 18.81
N LEU B 223 17.00 9.30 18.56
CA LEU B 223 16.17 8.11 18.40
C LEU B 223 16.44 7.32 17.14
N LYS B 224 16.88 8.02 16.09
CA LYS B 224 17.31 7.34 14.87
C LYS B 224 18.56 6.51 15.10
N ARG B 225 19.50 7.06 15.85
CA ARG B 225 20.72 6.33 16.23
C ARG B 225 20.39 5.12 17.14
N TYR B 226 19.55 5.35 18.12
CA TYR B 226 19.05 4.29 19.00
C TYR B 226 18.49 3.13 18.19
N ALA B 227 17.63 3.47 17.23
CA ALA B 227 16.96 2.48 16.44
C ALA B 227 17.89 1.72 15.46
N GLN B 228 18.91 2.40 14.96
CA GLN B 228 19.88 1.72 14.05
C GLN B 228 20.53 0.55 14.83
N ALA B 229 20.93 0.82 16.06
CA ALA B 229 21.52 -0.22 16.91
C ALA B 229 20.53 -1.26 17.34
N LEU B 230 19.37 -0.80 17.76
CA LEU B 230 18.34 -1.72 18.23
C LEU B 230 17.91 -2.67 17.11
N GLY B 231 17.72 -2.12 15.91
CA GLY B 231 17.27 -2.96 14.82
C GLY B 231 18.27 -4.01 14.43
N LEU B 232 19.55 -3.65 14.45
CA LEU B 232 20.58 -4.65 14.14
C LEU B 232 20.68 -5.70 15.24
N ALA B 233 20.57 -5.28 16.50
CA ALA B 233 20.58 -6.22 17.61
C ALA B 233 19.38 -7.17 17.48
N PHE B 234 18.24 -6.60 17.10
CA PHE B 234 17.00 -7.39 16.96
C PHE B 234 17.17 -8.48 15.90
N GLN B 235 17.78 -8.14 14.77
CA GLN B 235 17.94 -9.11 13.71
C GLN B 235 18.95 -10.17 14.11
N ILE B 236 20.05 -9.75 14.74
CA ILE B 236 21.02 -10.72 15.20
C ILE B 236 20.29 -11.67 16.13
N ALA B 237 19.46 -11.16 17.03
CA ALA B 237 18.68 -12.02 17.92
C ALA B 237 17.76 -12.94 17.14
N ASP B 238 17.08 -12.42 16.11
CA ASP B 238 16.16 -13.23 15.29
C ASP B 238 16.93 -14.34 14.57
N ASP B 239 18.16 -14.04 14.15
CA ASP B 239 19.03 -15.06 13.54
C ASP B 239 19.48 -16.10 14.56
N ILE B 240 19.84 -15.66 15.76
CA ILE B 240 20.14 -16.57 16.85
C ILE B 240 18.93 -17.50 17.20
N LEU B 241 17.70 -16.95 17.20
CA LEU B 241 16.50 -17.77 17.47
C LEU B 241 16.23 -18.82 16.40
N ASP B 242 16.51 -18.50 15.15
CA ASP B 242 16.37 -19.49 14.09
C ASP B 242 17.29 -20.69 14.31
N VAL B 243 18.37 -20.50 15.04
CA VAL B 243 19.41 -21.53 15.19
C VAL B 243 19.26 -22.29 16.48
N THR B 244 18.87 -21.61 17.55
CA THR B 244 18.86 -22.24 18.87
C THR B 244 17.45 -22.31 19.44
N GLY B 245 16.49 -21.69 18.75
CA GLY B 245 15.18 -21.47 19.34
C GLY B 245 14.25 -22.67 19.22
N ASP B 246 13.10 -22.59 19.91
CA ASP B 246 12.10 -23.64 19.93
C ASP B 246 10.83 -23.15 19.23
N SER B 247 10.39 -23.85 18.19
CA SER B 247 9.23 -23.42 17.41
C SER B 247 7.97 -23.25 18.27
N ALA B 248 7.85 -24.04 19.34
CA ALA B 248 6.71 -23.91 20.25
C ALA B 248 6.74 -22.58 20.98
N GLN B 249 7.96 -22.06 21.20
CA GLN B 249 8.14 -20.80 21.90
C GLN B 249 8.15 -19.64 20.90
N VAL B 250 8.80 -19.82 19.76
CA VAL B 250 8.92 -18.73 18.78
C VAL B 250 7.66 -18.59 17.93
N GLY B 251 6.88 -19.66 17.79
CA GLY B 251 5.59 -19.56 17.08
C GLY B 251 5.70 -19.65 15.57
N LYS B 252 6.91 -19.92 15.08
CA LYS B 252 7.13 -20.14 13.66
C LYS B 252 8.21 -21.25 13.54
N ALA B 253 8.40 -21.78 12.34
CA ALA B 253 9.44 -22.79 12.13
C ALA B 253 10.83 -22.21 12.34
N VAL B 254 11.72 -23.05 12.88
CA VAL B 254 13.13 -22.71 13.02
C VAL B 254 13.98 -23.64 12.17
N GLY B 255 15.28 -23.35 12.11
CA GLY B 255 16.18 -24.00 11.15
C GLY B 255 16.00 -23.58 9.70
N LYS B 256 15.30 -22.46 9.47
CA LYS B 256 14.90 -22.08 8.11
C LYS B 256 16.07 -21.52 7.31
N ASP B 257 16.95 -20.81 8.00
CA ASP B 257 17.98 -20.04 7.34
C ASP B 257 18.99 -20.97 6.67
N ALA B 258 19.45 -21.99 7.40
CA ALA B 258 20.39 -22.99 6.87
C ALA B 258 19.79 -23.73 5.68
N SER B 259 18.53 -24.13 5.83
CA SER B 259 17.77 -24.78 4.74
C SER B 259 17.81 -23.98 3.44
N ALA B 260 17.65 -22.66 3.53
CA ALA B 260 17.68 -21.78 2.36
C ALA B 260 19.11 -21.36 1.98
N GLY B 261 20.10 -21.87 2.72
CA GLY B 261 21.52 -21.56 2.47
C GLY B 261 21.91 -20.11 2.74
N LYS B 262 21.14 -19.44 3.59
CA LYS B 262 21.29 -18.00 3.82
C LYS B 262 22.59 -17.68 4.56
N ALA B 263 23.31 -16.65 4.12
CA ALA B 263 24.19 -15.91 5.01
C ALA B 263 23.34 -15.17 6.04
N THR B 264 23.66 -15.34 7.32
CA THR B 264 23.03 -14.64 8.43
C THR B 264 24.13 -14.21 9.37
N PHE B 265 23.77 -13.48 10.39
CA PHE B 265 24.80 -12.97 11.27
C PHE B 265 25.47 -14.12 12.03
N VAL B 266 24.71 -15.19 12.27
CA VAL B 266 25.32 -16.36 12.90
C VAL B 266 26.22 -17.15 11.93
N SER B 267 25.82 -17.27 10.66
CA SER B 267 26.67 -17.96 9.71
C SER B 267 27.95 -17.20 9.43
N LEU B 268 27.89 -15.88 9.46
CA LEU B 268 29.09 -15.12 9.24
C LEU B 268 29.97 -14.97 10.48
N LEU B 269 29.36 -14.85 11.65
CA LEU B 269 30.14 -14.50 12.85
C LEU B 269 30.42 -15.72 13.74
N GLY B 270 29.60 -16.75 13.63
CA GLY B 270 29.42 -17.74 14.70
C GLY B 270 28.52 -17.24 15.82
N LEU B 271 27.93 -18.15 16.60
CA LEU B 271 27.00 -17.75 17.65
C LEU B 271 27.64 -16.92 18.76
N ASP B 272 28.81 -17.32 19.23
CA ASP B 272 29.46 -16.59 20.33
C ASP B 272 29.67 -15.11 19.93
N ALA B 273 30.25 -14.90 18.77
CA ALA B 273 30.60 -13.53 18.33
C ALA B 273 29.34 -12.78 17.97
N ALA B 274 28.31 -13.46 17.48
CA ALA B 274 27.03 -12.80 17.20
C ALA B 274 26.40 -12.29 18.48
N ARG B 275 26.38 -13.15 19.50
CA ARG B 275 25.86 -12.76 20.81
C ARG B 275 26.63 -11.55 21.34
N ALA B 276 27.96 -11.59 21.21
CA ALA B 276 28.76 -10.51 21.76
C ALA B 276 28.50 -9.22 21.00
N ARG B 277 28.31 -9.32 19.68
N ARG B 277 28.30 -9.35 19.69
CA ARG B 277 27.99 -8.14 18.85
CA ARG B 277 28.00 -8.21 18.82
C ARG B 277 26.62 -7.57 19.29
C ARG B 277 26.63 -7.60 19.17
N ALA B 278 25.64 -8.44 19.46
CA ALA B 278 24.31 -7.98 19.90
C ALA B 278 24.38 -7.27 21.24
N MET B 279 25.20 -7.78 22.15
CA MET B 279 25.42 -7.12 23.42
C MET B 279 26.09 -5.76 23.27
N SER B 280 27.06 -5.64 22.37
CA SER B 280 27.72 -4.35 22.07
CA SER B 280 27.70 -4.34 22.14
C SER B 280 26.73 -3.34 21.51
N LEU B 281 25.78 -3.84 20.74
CA LEU B 281 24.80 -2.96 20.15
C LEU B 281 23.77 -2.47 21.18
N ILE B 282 23.42 -3.29 22.18
CA ILE B 282 22.67 -2.82 23.40
C ILE B 282 23.36 -1.58 23.96
N ASP B 283 24.67 -1.64 24.16
CA ASP B 283 25.36 -0.52 24.79
C ASP B 283 25.29 0.73 23.91
N GLU B 284 25.41 0.53 22.59
CA GLU B 284 25.34 1.62 21.66
C GLU B 284 23.95 2.25 21.68
N ALA B 285 22.93 1.42 21.70
CA ALA B 285 21.54 1.90 21.75
C ALA B 285 21.33 2.73 22.99
N CYS B 286 21.79 2.21 24.11
CA CYS B 286 21.61 2.88 25.37
C CYS B 286 22.36 4.21 25.43
N ASP B 287 23.60 4.23 24.93
CA ASP B 287 24.38 5.46 24.90
C ASP B 287 23.69 6.54 24.07
N SER B 288 23.00 6.12 23.02
CA SER B 288 22.31 7.02 22.10
CA SER B 288 22.37 7.07 22.13
C SER B 288 21.23 7.84 22.81
N LEU B 289 20.73 7.34 23.93
CA LEU B 289 19.65 7.97 24.67
C LEU B 289 20.12 8.91 25.79
N ALA B 290 21.41 9.19 25.84
CA ALA B 290 21.94 9.89 27.02
C ALA B 290 21.28 11.24 27.25
N THR B 291 20.99 11.96 26.16
CA THR B 291 20.43 13.29 26.20
C THR B 291 19.07 13.33 26.87
N TYR B 292 18.38 12.19 26.92
CA TYR B 292 17.05 12.09 27.54
C TYR B 292 17.11 11.83 29.03
N GLY B 293 18.26 11.37 29.50
CA GLY B 293 18.37 10.93 30.89
C GLY B 293 17.50 9.75 31.21
N ALA B 294 17.05 9.67 32.46
CA ALA B 294 16.35 8.50 32.93
C ALA B 294 14.93 8.35 32.40
N LYS B 295 14.41 9.42 31.79
CA LYS B 295 13.08 9.39 31.19
C LYS B 295 13.06 8.36 30.07
N ALA B 296 14.25 8.02 29.57
CA ALA B 296 14.36 7.02 28.48
C ALA B 296 14.62 5.60 28.97
N ASP B 297 14.46 5.35 30.27
CA ASP B 297 14.77 4.04 30.81
C ASP B 297 13.95 2.86 30.21
N THR B 298 12.67 3.07 29.89
CA THR B 298 11.88 2.00 29.31
C THR B 298 12.52 1.64 27.94
N LEU B 299 13.02 2.66 27.24
CA LEU B 299 13.70 2.39 25.94
C LEU B 299 15.04 1.66 26.10
N ARG B 300 15.73 1.92 27.21
CA ARG B 300 16.93 1.16 27.51
C ARG B 300 16.58 -0.30 27.81
N GLU B 301 15.52 -0.52 28.58
CA GLU B 301 15.11 -1.87 28.92
C GLU B 301 14.63 -2.61 27.67
N THR B 302 14.04 -1.87 26.73
CA THR B 302 13.59 -2.48 25.48
C THR B 302 14.78 -3.04 24.73
N ALA B 303 15.90 -2.32 24.71
CA ALA B 303 17.10 -2.82 24.05
C ALA B 303 17.59 -4.09 24.70
N ARG B 304 17.57 -4.15 26.03
CA ARG B 304 17.98 -5.38 26.67
C ARG B 304 17.01 -6.53 26.35
N PHE B 305 15.72 -6.22 26.33
CA PHE B 305 14.69 -7.19 25.95
C PHE B 305 14.90 -7.78 24.54
N VAL B 306 15.23 -6.93 23.58
CA VAL B 306 15.34 -7.36 22.19
C VAL B 306 16.41 -8.45 22.05
N VAL B 307 17.41 -8.44 22.94
CA VAL B 307 18.49 -9.44 22.89
C VAL B 307 18.20 -10.64 23.80
N ARG B 308 17.61 -10.40 24.97
CA ARG B 308 17.26 -11.47 25.95
C ARG B 308 16.16 -12.43 25.46
N ARG B 309 15.22 -11.90 24.67
CA ARG B 309 13.90 -12.52 24.51
C ARG B 309 13.96 -13.97 24.00
N THR B 310 12.97 -14.78 24.36
CA THR B 310 12.89 -16.18 23.91
C THR B 310 12.02 -16.37 22.64
N HIS B 311 11.40 -15.29 22.17
CA HIS B 311 10.54 -15.37 20.99
C HIS B 311 10.48 -14.00 20.32
C1 IPE C . -8.53 -1.25 -16.21
O1 IPE C . -8.56 0.19 -16.11
C2 IPE C . -9.02 -1.83 -14.89
C3 IPE C . -10.42 -1.38 -14.57
C4 IPE C . -10.71 -0.73 -13.45
C5 IPE C . -11.54 -1.81 -15.46
PA IPE C . -8.19 1.08 -17.39
O1A IPE C . -9.05 0.63 -18.58
O2A IPE C . -8.32 2.47 -16.97
O3A IPE C . -6.67 0.74 -17.68
PB IPE C . -5.36 1.54 -18.19
O1B IPE C . -4.50 0.50 -18.89
O2B IPE C . -5.82 2.63 -19.12
O3B IPE C . -4.79 2.11 -16.91
PA GST D . -9.45 -5.82 -16.47
O1A GST D . -8.66 -4.62 -17.01
O2A GST D . -10.55 -6.32 -17.39
O3A GST D . -8.56 -6.93 -15.95
O1B GST D . -10.18 -5.22 -15.19
PB GST D . -11.32 -6.00 -14.39
O2B GST D . -12.62 -5.97 -15.08
O3B GST D . -10.82 -7.43 -14.03
S1 GST D . -11.50 -4.87 -12.77
C1 GST D . -9.85 -5.01 -12.20
C2 GST D . -9.73 -4.87 -10.70
C3 GST D . -9.44 -3.70 -10.11
C10 GST D . -9.32 -2.44 -10.90
C4 GST D . -9.34 -3.59 -8.62
C5 GST D . -8.50 -4.77 -8.12
C6 GST D . -8.35 -4.71 -6.63
C7 GST D . -7.31 -5.25 -5.97
C9 GST D . -6.14 -6.01 -6.56
C8 GST D . -7.35 -5.04 -4.49
CA CA E . -12.88 -6.16 -17.53
CA CA F . -8.93 -8.58 -14.40
CA CA G . -11.92 -10.60 -11.73
C1 IPE H . 9.25 -10.90 12.77
O1 IPE H . 9.23 -9.78 13.67
C2 IPE H . 9.74 -10.43 11.41
C3 IPE H . 11.10 -9.76 11.48
C4 IPE H . 11.21 -8.51 11.12
C5 IPE H . 12.35 -10.50 11.85
PA IPE H . 8.80 -9.92 15.20
O1A IPE H . 8.80 -8.55 15.84
O2A IPE H . 9.69 -11.01 15.85
O3A IPE H . 7.31 -10.51 15.11
PB IPE H . 5.97 -10.39 16.01
O1B IPE H . 5.27 -11.68 15.80
O2B IPE H . 5.24 -9.23 15.35
O3B IPE H . 6.38 -10.11 17.41
PA GST I . 10.66 -14.40 10.00
O1A GST I . 11.93 -15.18 10.36
O2A GST I . 9.82 -15.03 8.89
O3A GST I . 9.85 -13.94 11.17
O1B GST I . 11.18 -13.07 9.38
PB GST I . 12.36 -13.12 8.35
O2B GST I . 12.07 -14.01 7.22
O3B GST I . 13.76 -13.45 9.09
S1 GST I . 12.33 -11.21 7.79
C1 GST I . 10.58 -11.18 7.54
C2 GST I . 10.26 -10.21 6.43
C3 GST I . 9.89 -8.96 6.71
C10 GST I . 9.78 -8.48 8.12
C4 GST I . 9.66 -8.00 5.57
C5 GST I . 8.92 -8.69 4.43
C6 GST I . 8.75 -7.65 3.37
C7 GST I . 7.79 -7.65 2.44
C9 GST I . 7.84 -6.49 1.49
C8 GST I . 6.71 -8.67 2.33
CA CA J . 10.24 -15.27 6.66
CA CA K . 14.17 -15.03 10.72
CA CA L . 13.19 -14.93 3.56
#